data_8Q90
#
_entry.id   8Q90
#
_cell.length_a   32.360
_cell.length_b   60.000
_cell.length_c   87.390
_cell.angle_alpha   90.000
_cell.angle_beta   95.990
_cell.angle_gamma   90.000
#
_symmetry.space_group_name_H-M   'P 1 21 1'
#
loop_
_entity.id
_entity.type
_entity.pdbx_description
1 polymer 'AsnC family transcriptional regulator'
2 water water
#
_entity_poly.entity_id   1
_entity_poly.type   'polypeptide(L)'
_entity_poly.pdbx_seq_one_letter_code
;MHHHHHHMTYENLDAKLINALLGDGRASLRSLAEELDVSVTTVSNHLRDLEDEGVIEGYTPRVNYDALGYDVTAVIQLKV
EGSALPEITERLRAEKQMISVYEVTGDYDIIAIGKFRDTDGMNTQIKKLLTDTDIRESNTSVVLNAVTENEQFALDVDE
;
_entity_poly.pdbx_strand_id   A,B
#
# COMPACT_ATOMS: atom_id res chain seq x y z
N GLU A 11 7.45 21.26 18.78
CA GLU A 11 5.97 21.03 18.82
C GLU A 11 5.57 20.07 17.69
N ASN A 12 5.30 18.81 18.03
CA ASN A 12 4.88 17.81 17.02
C ASN A 12 6.01 17.60 16.00
N LEU A 13 7.26 17.64 16.46
CA LEU A 13 8.43 17.53 15.54
C LEU A 13 8.42 16.17 14.84
N ASP A 14 8.27 15.10 15.61
CA ASP A 14 8.26 13.73 15.02
C ASP A 14 7.21 13.67 13.92
N ALA A 15 6.05 14.26 14.15
CA ALA A 15 4.95 14.26 13.16
C ALA A 15 5.32 15.09 11.92
N LYS A 16 5.87 16.27 12.15
CA LYS A 16 6.30 17.12 11.02
C LYS A 16 7.43 16.42 10.26
N LEU A 17 8.29 15.69 10.97
CA LEU A 17 9.39 14.94 10.34
C LEU A 17 8.84 13.84 9.43
N ILE A 18 7.86 13.10 9.93
CA ILE A 18 7.22 12.02 9.13
C ILE A 18 6.52 12.68 7.94
N ASN A 19 5.76 13.74 8.20
CA ASN A 19 5.01 14.44 7.13
C ASN A 19 6.01 14.92 6.07
N ALA A 20 7.15 15.44 6.51
CA ALA A 20 8.16 15.87 5.55
C ALA A 20 8.63 14.72 4.68
N LEU A 21 8.79 13.54 5.26
CA LEU A 21 9.34 12.40 4.53
C LEU A 21 8.34 11.84 3.55
N LEU A 22 7.04 11.97 3.82
CA LEU A 22 6.01 11.47 2.92
C LEU A 22 6.15 12.10 1.54
N GLY A 23 6.17 11.25 0.52
CA GLY A 23 6.44 11.73 -0.82
C GLY A 23 7.74 12.50 -0.96
N ASP A 24 8.68 12.26 -0.05
CA ASP A 24 10.02 12.83 -0.19
C ASP A 24 11.02 11.98 0.59
N GLY A 25 10.87 10.66 0.45
CA GLY A 25 11.53 9.70 1.33
C GLY A 25 13.05 9.73 1.28
N ARG A 26 13.64 10.29 0.23
CA ARG A 26 15.09 10.31 0.09
C ARG A 26 15.70 11.68 0.35
N ALA A 27 14.94 12.61 0.91
CA ALA A 27 15.48 13.92 1.26
C ALA A 27 16.69 13.78 2.15
N SER A 28 17.70 14.60 1.86
CA SER A 28 18.93 14.64 2.68
C SER A 28 18.58 15.09 4.10
N LEU A 29 19.39 14.70 5.07
CA LEU A 29 19.20 15.14 6.48
C LEU A 29 19.30 16.68 6.52
N ARG A 30 20.19 17.25 5.71
CA ARG A 30 20.30 18.73 5.61
C ARG A 30 18.97 19.31 5.14
N SER A 31 18.45 18.81 4.02
N SER A 31 18.46 18.82 4.01
CA SER A 31 17.17 19.32 3.47
CA SER A 31 17.16 19.31 3.47
C SER A 31 16.07 19.20 4.53
C SER A 31 16.08 19.22 4.55
N LEU A 32 15.99 18.06 5.21
CA LEU A 32 14.97 17.87 6.27
C LEU A 32 15.22 18.86 7.41
N ALA A 33 16.46 19.00 7.83
CA ALA A 33 16.82 19.92 8.94
C ALA A 33 16.43 21.36 8.58
N GLU A 34 16.74 21.78 7.36
CA GLU A 34 16.46 23.18 6.95
C GLU A 34 14.94 23.37 6.85
N GLU A 35 14.23 22.34 6.40
CA GLU A 35 12.75 22.43 6.25
C GLU A 35 12.11 22.57 7.62
N LEU A 36 12.58 21.78 8.59
CA LEU A 36 11.99 21.77 9.95
C LEU A 36 12.64 22.84 10.83
N ASP A 37 13.68 23.50 10.33
CA ASP A 37 14.42 24.53 11.10
C ASP A 37 15.02 23.90 12.35
N VAL A 38 15.70 22.76 12.18
CA VAL A 38 16.42 22.13 13.32
C VAL A 38 17.78 21.66 12.79
N SER A 39 18.57 21.01 13.64
CA SER A 39 19.92 20.57 13.26
C SER A 39 19.88 19.24 12.51
N VAL A 40 20.94 18.96 11.76
CA VAL A 40 21.06 17.62 11.12
C VAL A 40 21.11 16.59 12.26
N THR A 41 21.73 16.97 13.38
CA THR A 41 21.84 16.02 14.51
C THR A 41 20.43 15.68 15.03
N THR A 42 19.57 16.70 15.15
CA THR A 42 18.16 16.49 15.61
C THR A 42 17.45 15.49 14.68
N VAL A 43 17.49 15.73 13.37
CA VAL A 43 16.79 14.84 12.40
C VAL A 43 17.30 13.42 12.58
N SER A 44 18.62 13.25 12.58
CA SER A 44 19.22 11.90 12.66
C SER A 44 18.73 11.12 13.88
N ASN A 45 18.75 11.75 15.05
CA ASN A 45 18.40 11.04 16.31
C ASN A 45 16.89 10.76 16.35
N HIS A 46 16.07 11.73 15.93
CA HIS A 46 14.60 11.52 15.90
C HIS A 46 14.23 10.41 14.91
N LEU A 47 14.91 10.39 13.76
CA LEU A 47 14.62 9.35 12.74
C LEU A 47 15.05 7.99 13.30
N ARG A 48 16.20 7.92 13.97
CA ARG A 48 16.71 6.64 14.53
C ARG A 48 15.75 6.12 15.60
N ASP A 49 15.17 7.01 16.39
CA ASP A 49 14.22 6.62 17.44
C ASP A 49 12.91 6.16 16.82
N LEU A 50 12.43 6.88 15.81
CA LEU A 50 11.16 6.52 15.13
C LEU A 50 11.31 5.15 14.47
N GLU A 51 12.49 4.89 13.93
CA GLU A 51 12.76 3.57 13.32
C GLU A 51 12.90 2.50 14.42
N ASP A 52 13.48 2.87 15.56
CA ASP A 52 13.68 1.92 16.68
C ASP A 52 12.34 1.64 17.39
N GLU A 53 11.45 2.62 17.46
CA GLU A 53 10.11 2.38 18.05
C GLU A 53 9.20 1.65 17.07
N GLY A 54 9.64 1.44 15.83
CA GLY A 54 8.78 0.80 14.81
C GLY A 54 7.71 1.71 14.22
N VAL A 55 7.78 3.02 14.40
CA VAL A 55 6.82 3.96 13.76
C VAL A 55 7.21 4.06 12.27
N ILE A 56 8.49 4.09 11.99
CA ILE A 56 8.95 4.04 10.58
C ILE A 56 9.51 2.63 10.38
N GLU A 57 8.79 1.81 9.61
CA GLU A 57 9.18 0.38 9.43
C GLU A 57 10.30 0.26 8.41
N GLY A 58 10.53 1.31 7.65
CA GLY A 58 11.56 1.32 6.61
C GLY A 58 11.24 2.33 5.54
N TYR A 59 12.07 2.36 4.51
CA TYR A 59 11.86 3.30 3.39
C TYR A 59 11.80 2.51 2.09
N THR A 60 10.98 2.96 1.15
CA THR A 60 10.82 2.24 -0.13
C THR A 60 10.45 3.17 -1.28
N PRO A 61 10.82 2.81 -2.52
CA PRO A 61 10.37 3.60 -3.66
C PRO A 61 8.92 3.25 -4.00
N ARG A 62 8.18 4.21 -4.53
CA ARG A 62 6.81 3.91 -5.03
C ARG A 62 6.96 3.46 -6.48
N VAL A 63 6.87 2.16 -6.72
CA VAL A 63 7.13 1.60 -8.08
C VAL A 63 5.83 1.56 -8.90
N ASN A 64 5.91 1.99 -10.14
CA ASN A 64 4.74 1.97 -11.06
C ASN A 64 4.73 0.62 -11.79
N TYR A 65 3.94 -0.32 -11.29
CA TYR A 65 3.93 -1.69 -11.88
C TYR A 65 3.21 -1.69 -13.24
N ASP A 66 2.30 -0.76 -13.47
CA ASP A 66 1.64 -0.64 -14.79
C ASP A 66 2.73 -0.38 -15.82
N ALA A 67 3.71 0.44 -15.45
CA ALA A 67 4.83 0.75 -16.37
C ALA A 67 5.68 -0.49 -16.61
N LEU A 68 5.72 -1.42 -15.66
CA LEU A 68 6.51 -2.66 -15.78
C LEU A 68 5.66 -3.79 -16.37
N GLY A 69 4.50 -3.49 -16.93
CA GLY A 69 3.67 -4.51 -17.58
C GLY A 69 2.73 -5.25 -16.67
N TYR A 70 2.56 -4.77 -15.43
CA TYR A 70 1.59 -5.38 -14.55
C TYR A 70 0.33 -4.53 -14.59
N ASP A 71 -0.46 -4.73 -15.65
CA ASP A 71 -1.57 -3.86 -15.96
C ASP A 71 -2.82 -4.12 -15.11
N VAL A 72 -2.97 -5.31 -14.55
CA VAL A 72 -4.25 -5.73 -13.96
C VAL A 72 -4.10 -5.87 -12.46
N THR A 73 -5.07 -5.34 -11.71
CA THR A 73 -5.19 -5.54 -10.28
C THR A 73 -6.51 -6.25 -9.98
N ALA A 74 -6.51 -7.14 -9.00
CA ALA A 74 -7.75 -7.79 -8.59
C ALA A 74 -7.79 -7.86 -7.07
N VAL A 75 -8.99 -7.73 -6.53
CA VAL A 75 -9.26 -7.95 -5.12
C VAL A 75 -9.88 -9.34 -4.99
N ILE A 76 -9.25 -10.20 -4.21
CA ILE A 76 -9.74 -11.59 -4.08
C ILE A 76 -10.31 -11.84 -2.70
N GLN A 77 -11.56 -12.28 -2.66
CA GLN A 77 -12.22 -12.61 -1.38
C GLN A 77 -12.29 -14.13 -1.25
N LEU A 78 -11.88 -14.65 -0.09
CA LEU A 78 -11.88 -16.11 0.14
C LEU A 78 -12.56 -16.47 1.47
N LYS A 79 -13.18 -17.64 1.51
CA LYS A 79 -13.77 -18.15 2.76
C LYS A 79 -13.06 -19.46 3.10
N VAL A 80 -12.37 -19.47 4.22
CA VAL A 80 -11.67 -20.70 4.69
C VAL A 80 -12.02 -20.91 6.17
N GLU A 81 -11.88 -22.13 6.67
CA GLU A 81 -12.04 -22.38 8.11
C GLU A 81 -10.88 -21.70 8.84
N GLY A 82 -11.09 -21.25 10.07
CA GLY A 82 -10.03 -20.61 10.85
C GLY A 82 -8.78 -21.44 10.91
N SER A 83 -8.91 -22.74 11.10
CA SER A 83 -7.76 -23.67 11.19
C SER A 83 -6.89 -23.61 9.95
N ALA A 84 -7.47 -23.18 8.82
CA ALA A 84 -6.72 -23.15 7.55
C ALA A 84 -6.15 -21.75 7.25
N LEU A 85 -6.56 -20.74 8.02
CA LEU A 85 -6.08 -19.35 7.80
C LEU A 85 -4.55 -19.32 7.75
N PRO A 86 -3.82 -19.94 8.70
CA PRO A 86 -2.36 -19.97 8.65
C PRO A 86 -1.78 -20.45 7.31
N GLU A 87 -2.26 -21.57 6.77
CA GLU A 87 -1.67 -22.16 5.53
C GLU A 87 -2.06 -21.37 4.28
N ILE A 88 -3.30 -20.90 4.22
CA ILE A 88 -3.75 -20.08 3.05
C ILE A 88 -2.98 -18.75 3.06
N THR A 89 -2.81 -18.15 4.23
CA THR A 89 -2.13 -16.84 4.34
C THR A 89 -0.69 -17.01 3.88
N GLU A 90 -0.03 -18.08 4.31
CA GLU A 90 1.38 -18.36 3.92
C GLU A 90 1.44 -18.64 2.42
N ARG A 91 0.52 -19.44 1.89
CA ARG A 91 0.45 -19.70 0.43
C ARG A 91 0.34 -18.39 -0.35
N LEU A 92 -0.50 -17.47 0.13
CA LEU A 92 -0.72 -16.17 -0.57
C LEU A 92 0.51 -15.27 -0.41
N ARG A 93 1.10 -15.23 0.79
CA ARG A 93 2.34 -14.45 1.03
C ARG A 93 3.47 -14.97 0.14
N ALA A 94 3.51 -16.27 -0.13
CA ALA A 94 4.51 -16.86 -1.03
C ALA A 94 4.37 -16.29 -2.45
N GLU A 95 3.14 -16.05 -2.89
CA GLU A 95 2.90 -15.47 -4.23
C GLU A 95 3.24 -13.98 -4.15
N LYS A 96 4.42 -13.60 -4.62
CA LYS A 96 4.90 -12.20 -4.49
C LYS A 96 3.92 -11.22 -5.12
N GLN A 97 3.11 -11.66 -6.07
CA GLN A 97 2.21 -10.73 -6.79
C GLN A 97 1.02 -10.36 -5.89
N MET A 98 0.79 -11.12 -4.83
CA MET A 98 -0.24 -10.73 -3.85
C MET A 98 0.40 -9.68 -2.95
N ILE A 99 0.08 -8.40 -3.17
CA ILE A 99 0.79 -7.36 -2.44
C ILE A 99 0.14 -7.03 -1.09
N SER A 100 -1.12 -7.41 -0.89
CA SER A 100 -1.80 -7.26 0.40
C SER A 100 -2.57 -8.53 0.69
N VAL A 101 -2.57 -8.96 1.96
CA VAL A 101 -3.31 -10.14 2.41
C VAL A 101 -3.86 -9.83 3.80
N TYR A 102 -5.19 -9.88 3.96
CA TYR A 102 -5.86 -9.50 5.20
C TYR A 102 -6.73 -10.64 5.67
N GLU A 103 -6.61 -11.00 6.94
CA GLU A 103 -7.65 -11.77 7.62
C GLU A 103 -8.68 -10.80 8.18
N VAL A 104 -9.96 -11.01 7.85
CA VAL A 104 -10.99 -10.02 8.12
C VAL A 104 -12.23 -10.72 8.67
N THR A 105 -13.13 -9.93 9.25
CA THR A 105 -14.43 -10.40 9.70
C THR A 105 -15.40 -10.57 8.53
N GLY A 106 -16.50 -11.28 8.79
CA GLY A 106 -17.54 -11.46 7.78
C GLY A 106 -17.51 -12.85 7.16
N ASP A 107 -18.39 -13.04 6.17
CA ASP A 107 -18.50 -14.30 5.45
C ASP A 107 -17.18 -14.72 4.83
N TYR A 108 -16.55 -13.82 4.08
CA TYR A 108 -15.21 -14.07 3.53
C TYR A 108 -14.22 -13.58 4.57
N ASP A 109 -13.36 -14.47 5.06
CA ASP A 109 -12.42 -14.09 6.08
C ASP A 109 -11.03 -13.78 5.55
N ILE A 110 -10.84 -13.75 4.23
CA ILE A 110 -9.58 -13.32 3.62
C ILE A 110 -9.88 -12.36 2.50
N ILE A 111 -9.14 -11.26 2.46
CA ILE A 111 -9.15 -10.34 1.34
C ILE A 111 -7.70 -10.14 0.93
N ALA A 112 -7.43 -10.33 -0.35
CA ALA A 112 -6.08 -10.19 -0.88
C ALA A 112 -6.13 -9.34 -2.14
N ILE A 113 -5.02 -8.67 -2.42
CA ILE A 113 -4.90 -7.79 -3.57
C ILE A 113 -3.69 -8.25 -4.37
N GLY A 114 -3.89 -8.54 -5.64
CA GLY A 114 -2.84 -9.06 -6.49
C GLY A 114 -2.70 -8.23 -7.74
N LYS A 115 -1.47 -8.18 -8.25
CA LYS A 115 -1.11 -7.47 -9.47
C LYS A 115 -0.68 -8.48 -10.51
N PHE A 116 -1.15 -8.32 -11.76
CA PHE A 116 -0.97 -9.34 -12.78
C PHE A 116 -0.62 -8.70 -14.11
N ARG A 117 0.06 -9.48 -14.98
CA ARG A 117 0.48 -8.93 -16.27
C ARG A 117 -0.72 -8.57 -17.12
N ASP A 118 -1.77 -9.37 -17.06
CA ASP A 118 -2.97 -9.15 -17.87
C ASP A 118 -4.05 -10.09 -17.32
N THR A 119 -5.22 -10.05 -18.07
CA THR A 119 -6.39 -10.83 -17.62
C THR A 119 -6.11 -12.34 -17.69
N ASP A 120 -5.42 -12.82 -18.68
CA ASP A 120 -5.12 -14.25 -18.75
C ASP A 120 -4.20 -14.67 -17.60
N GLY A 121 -3.21 -13.85 -17.28
CA GLY A 121 -2.37 -14.16 -16.13
C GLY A 121 -3.14 -14.22 -14.83
N MET A 122 -4.08 -13.31 -14.62
CA MET A 122 -4.91 -13.32 -13.39
C MET A 122 -5.72 -14.62 -13.33
N ASN A 123 -6.42 -14.94 -14.40
CA ASN A 123 -7.29 -16.15 -14.43
C ASN A 123 -6.48 -17.41 -14.09
N THR A 124 -5.31 -17.56 -14.72
CA THR A 124 -4.45 -18.73 -14.47
C THR A 124 -4.14 -18.82 -12.98
N GLN A 125 -3.68 -17.72 -12.38
CA GLN A 125 -3.27 -17.74 -10.96
C GLN A 125 -4.46 -18.02 -10.03
N ILE A 126 -5.60 -17.39 -10.26
CA ILE A 126 -6.78 -17.60 -9.37
C ILE A 126 -7.24 -19.05 -9.50
N LYS A 127 -7.28 -19.58 -10.73
CA LYS A 127 -7.70 -20.99 -10.97
C LYS A 127 -6.81 -21.92 -10.15
N LYS A 128 -5.50 -21.72 -10.23
CA LYS A 128 -4.56 -22.54 -9.44
C LYS A 128 -4.87 -22.37 -7.94
N LEU A 129 -5.09 -21.14 -7.51
CA LEU A 129 -5.34 -20.89 -6.07
C LEU A 129 -6.60 -21.63 -5.63
N LEU A 130 -7.63 -21.61 -6.46
CA LEU A 130 -8.94 -22.21 -6.10
C LEU A 130 -8.86 -23.74 -6.16
N THR A 131 -7.70 -24.29 -6.51
CA THR A 131 -7.51 -25.77 -6.45
C THR A 131 -7.23 -26.13 -5.00
N ASP A 132 -6.94 -25.14 -4.16
CA ASP A 132 -6.74 -25.40 -2.71
C ASP A 132 -8.07 -25.87 -2.10
N THR A 133 -8.08 -27.07 -1.54
CA THR A 133 -9.31 -27.70 -0.98
C THR A 133 -9.78 -27.01 0.31
N ASP A 134 -8.98 -26.12 0.86
CA ASP A 134 -9.39 -25.35 2.06
C ASP A 134 -10.37 -24.24 1.67
N ILE A 135 -10.35 -23.86 0.40
CA ILE A 135 -11.21 -22.71 -0.03
C ILE A 135 -12.63 -23.18 -0.30
N ARG A 136 -13.59 -22.66 0.46
CA ARG A 136 -15.01 -23.05 0.33
C ARG A 136 -15.77 -22.06 -0.57
N GLU A 137 -15.33 -20.80 -0.58
CA GLU A 137 -15.97 -19.76 -1.44
C GLU A 137 -14.92 -18.75 -1.90
N SER A 138 -15.15 -18.16 -3.06
CA SER A 138 -14.26 -17.10 -3.60
C SER A 138 -15.06 -16.07 -4.39
N ASN A 139 -14.58 -14.85 -4.46
CA ASN A 139 -15.22 -13.79 -5.29
C ASN A 139 -14.10 -12.83 -5.71
N THR A 140 -13.79 -12.81 -6.99
CA THR A 140 -12.69 -11.98 -7.51
C THR A 140 -13.29 -10.75 -8.17
N SER A 141 -12.89 -9.58 -7.73
CA SER A 141 -13.32 -8.33 -8.32
C SER A 141 -12.14 -7.71 -9.04
N VAL A 142 -12.29 -7.49 -10.33
CA VAL A 142 -11.21 -6.90 -11.12
C VAL A 142 -11.23 -5.39 -10.94
N VAL A 143 -10.06 -4.78 -10.82
CA VAL A 143 -9.99 -3.34 -10.60
C VAL A 143 -10.18 -2.65 -11.95
N LEU A 144 -11.21 -1.80 -12.06
CA LEU A 144 -11.44 -1.03 -13.26
C LEU A 144 -10.71 0.31 -13.22
N ASN A 145 -10.49 0.86 -12.03
CA ASN A 145 -9.80 2.13 -11.90
C ASN A 145 -9.20 2.18 -10.50
N ALA A 146 -7.89 2.18 -10.41
CA ALA A 146 -7.23 2.33 -9.11
C ALA A 146 -7.19 3.83 -8.78
N VAL A 147 -8.27 4.35 -8.22
CA VAL A 147 -8.37 5.81 -7.89
C VAL A 147 -7.23 6.18 -6.92
N THR A 148 -7.08 5.43 -5.84
CA THR A 148 -6.03 5.71 -4.85
C THR A 148 -5.41 4.39 -4.40
N GLU A 149 -4.08 4.33 -4.31
CA GLU A 149 -3.38 3.10 -3.87
C GLU A 149 -2.30 3.42 -2.84
N ASN A 150 -2.44 2.85 -1.64
CA ASN A 150 -1.47 3.06 -0.52
C ASN A 150 -1.01 4.53 -0.45
N GLU A 151 -1.94 5.45 -0.41
CA GLU A 151 -1.56 6.88 -0.23
C GLU A 151 -1.56 7.17 1.28
N GLN A 152 -0.39 7.06 1.90
CA GLN A 152 -0.25 7.31 3.35
C GLN A 152 -0.65 8.75 3.65
N PHE A 153 -1.31 8.98 4.78
CA PHE A 153 -1.82 10.32 5.09
C PHE A 153 -0.91 11.06 6.07
N ALA A 154 -0.98 12.38 6.03
CA ALA A 154 -0.17 13.19 6.95
C ALA A 154 -0.73 13.12 8.36
N LEU A 155 0.16 13.18 9.34
CA LEU A 155 -0.27 13.15 10.74
C LEU A 155 -0.73 14.55 11.15
N ASP A 156 -1.58 14.61 12.15
CA ASP A 156 -2.08 15.91 12.65
C ASP A 156 -0.95 16.64 13.35
N VAL A 157 -0.84 17.94 13.11
CA VAL A 157 0.23 18.76 13.73
C VAL A 157 -0.36 20.10 14.17
N GLU B 11 23.15 -4.81 -17.78
CA GLU B 11 22.39 -6.09 -17.91
C GLU B 11 21.39 -6.20 -16.76
N ASN B 12 20.11 -5.95 -17.04
CA ASN B 12 19.03 -5.97 -16.01
C ASN B 12 19.43 -5.13 -14.78
N LEU B 13 20.12 -4.03 -14.99
CA LEU B 13 20.60 -3.20 -13.86
C LEU B 13 19.41 -2.49 -13.21
N ASP B 14 18.56 -1.86 -14.01
CA ASP B 14 17.38 -1.13 -13.50
C ASP B 14 16.59 -2.03 -12.55
N ALA B 15 16.29 -3.25 -12.98
CA ALA B 15 15.53 -4.21 -12.15
C ALA B 15 16.28 -4.48 -10.85
N LYS B 16 17.58 -4.64 -10.94
CA LYS B 16 18.40 -4.97 -9.75
C LYS B 16 18.47 -3.73 -8.86
N LEU B 17 18.52 -2.56 -9.47
CA LEU B 17 18.52 -1.30 -8.70
C LEU B 17 17.19 -1.15 -7.97
N ILE B 18 16.09 -1.45 -8.65
CA ILE B 18 14.74 -1.31 -8.02
C ILE B 18 14.68 -2.32 -6.87
N ASN B 19 15.10 -3.54 -7.12
CA ASN B 19 15.09 -4.61 -6.10
C ASN B 19 16.01 -4.23 -4.94
N ALA B 20 17.08 -3.49 -5.16
CA ALA B 20 17.96 -3.06 -4.05
C ALA B 20 17.30 -1.97 -3.19
N LEU B 21 16.53 -1.09 -3.82
CA LEU B 21 15.88 0.04 -3.10
C LEU B 21 14.67 -0.47 -2.32
N LEU B 22 14.05 -1.53 -2.80
CA LEU B 22 12.88 -2.11 -2.10
C LEU B 22 13.28 -2.44 -0.66
N GLY B 23 12.55 -1.89 0.30
CA GLY B 23 12.90 -2.07 1.73
C GLY B 23 14.16 -1.33 2.16
N ASP B 24 14.92 -0.72 1.24
CA ASP B 24 16.12 0.07 1.58
C ASP B 24 16.17 1.33 0.72
N GLY B 25 15.09 2.10 0.73
CA GLY B 25 14.98 3.27 -0.15
C GLY B 25 15.83 4.47 0.25
N ARG B 26 16.45 4.43 1.41
CA ARG B 26 17.34 5.57 1.77
C ARG B 26 18.81 5.15 1.63
N ALA B 27 19.06 4.07 0.89
CA ALA B 27 20.44 3.63 0.64
C ALA B 27 21.25 4.72 -0.08
N SER B 28 22.47 4.94 0.37
CA SER B 28 23.37 5.90 -0.28
C SER B 28 23.77 5.43 -1.67
N LEU B 29 24.09 6.37 -2.55
CA LEU B 29 24.58 6.02 -3.90
C LEU B 29 25.81 5.11 -3.77
N ARG B 30 26.70 5.42 -2.83
CA ARG B 30 27.94 4.63 -2.62
C ARG B 30 27.58 3.18 -2.28
N SER B 31 26.61 2.98 -1.40
CA SER B 31 26.17 1.62 -1.01
C SER B 31 25.52 0.91 -2.20
N LEU B 32 24.62 1.58 -2.90
CA LEU B 32 23.94 1.01 -4.09
C LEU B 32 24.99 0.63 -5.14
N ALA B 33 25.99 1.50 -5.32
CA ALA B 33 27.06 1.24 -6.30
C ALA B 33 27.85 0.00 -5.88
N GLU B 34 28.24 -0.09 -4.61
CA GLU B 34 28.95 -1.28 -4.10
C GLU B 34 28.07 -2.52 -4.27
N GLU B 35 26.80 -2.42 -3.90
CA GLU B 35 25.86 -3.56 -4.01
C GLU B 35 25.76 -4.05 -5.46
N LEU B 36 25.71 -3.15 -6.43
CA LEU B 36 25.50 -3.58 -7.84
C LEU B 36 26.84 -3.66 -8.59
N ASP B 37 27.93 -3.40 -7.89
CA ASP B 37 29.28 -3.46 -8.51
C ASP B 37 29.32 -2.52 -9.72
N VAL B 38 28.91 -1.27 -9.52
CA VAL B 38 28.93 -0.26 -10.61
C VAL B 38 29.42 1.06 -10.02
N SER B 39 29.61 2.06 -10.86
CA SER B 39 30.02 3.41 -10.42
C SER B 39 28.85 4.16 -9.78
N VAL B 40 29.18 5.13 -8.93
CA VAL B 40 28.13 6.00 -8.33
C VAL B 40 27.44 6.81 -9.44
N THR B 41 28.17 7.21 -10.47
CA THR B 41 27.55 7.93 -11.61
C THR B 41 26.57 7.01 -12.35
N THR B 42 26.91 5.73 -12.46
CA THR B 42 26.01 4.77 -13.12
C THR B 42 24.69 4.70 -12.32
N VAL B 43 24.80 4.53 -11.01
CA VAL B 43 23.58 4.51 -10.14
C VAL B 43 22.80 5.82 -10.35
N SER B 44 23.45 6.95 -10.11
CA SER B 44 22.79 8.27 -10.25
C SER B 44 22.06 8.35 -11.59
N ASN B 45 22.74 7.96 -12.67
CA ASN B 45 22.15 8.02 -14.03
C ASN B 45 20.91 7.14 -14.13
N HIS B 46 21.01 5.88 -13.70
CA HIS B 46 19.88 4.93 -13.85
C HIS B 46 18.70 5.39 -12.98
N LEU B 47 18.98 5.91 -11.80
CA LEU B 47 17.92 6.37 -10.88
C LEU B 47 17.16 7.53 -11.53
N ARG B 48 17.88 8.48 -12.12
CA ARG B 48 17.27 9.62 -12.84
C ARG B 48 16.38 9.09 -13.97
N ASP B 49 16.94 8.20 -14.79
CA ASP B 49 16.19 7.59 -15.91
C ASP B 49 14.86 6.99 -15.42
N LEU B 50 14.93 6.12 -14.42
CA LEU B 50 13.71 5.41 -13.92
C LEU B 50 12.66 6.39 -13.37
N GLU B 51 13.11 7.46 -12.73
CA GLU B 51 12.17 8.48 -12.17
C GLU B 51 11.61 9.31 -13.32
N ASP B 52 12.46 9.70 -14.26
CA ASP B 52 12.04 10.52 -15.43
C ASP B 52 11.00 9.76 -16.25
N GLU B 53 11.16 8.44 -16.37
CA GLU B 53 10.18 7.63 -17.14
C GLU B 53 9.00 7.21 -16.27
N GLY B 54 9.02 7.57 -14.99
CA GLY B 54 7.89 7.27 -14.15
C GLY B 54 7.81 5.85 -13.65
N VAL B 55 8.86 5.05 -13.81
CA VAL B 55 8.86 3.74 -13.17
C VAL B 55 8.96 3.90 -11.66
N ILE B 56 9.81 4.81 -11.19
CA ILE B 56 9.89 5.18 -9.80
C ILE B 56 9.15 6.49 -9.64
N GLU B 57 8.04 6.48 -8.91
CA GLU B 57 7.26 7.70 -8.75
C GLU B 57 7.78 8.59 -7.63
N GLY B 58 8.55 8.03 -6.72
CA GLY B 58 8.94 8.73 -5.52
C GLY B 58 9.31 7.74 -4.45
N TYR B 59 9.82 8.31 -3.37
CA TYR B 59 10.28 7.47 -2.24
C TYR B 59 9.48 7.87 -1.01
N THR B 60 9.25 6.92 -0.13
CA THR B 60 8.42 7.22 1.05
C THR B 60 8.75 6.30 2.21
N PRO B 61 8.53 6.77 3.46
CA PRO B 61 8.70 5.89 4.59
C PRO B 61 7.50 4.95 4.68
N ARG B 62 7.69 3.75 5.22
CA ARG B 62 6.55 2.86 5.49
C ARG B 62 6.12 3.17 6.93
N VAL B 63 5.06 3.95 7.09
CA VAL B 63 4.64 4.41 8.44
C VAL B 63 3.75 3.38 9.13
N ASN B 64 4.07 3.08 10.39
CA ASN B 64 3.25 2.15 11.20
C ASN B 64 2.15 2.96 11.88
N TYR B 65 0.99 3.06 11.22
CA TYR B 65 -0.12 3.87 11.76
C TYR B 65 -0.66 3.22 13.04
N ASP B 66 -0.50 1.90 13.15
CA ASP B 66 -0.90 1.24 14.38
C ASP B 66 -0.16 1.82 15.58
N ALA B 67 1.16 1.97 15.44
CA ALA B 67 1.97 2.58 16.50
C ALA B 67 1.55 4.01 16.79
N LEU B 68 0.99 4.72 15.83
CA LEU B 68 0.53 6.09 16.05
C LEU B 68 -0.91 6.16 16.55
N GLY B 69 -1.49 5.05 16.99
CA GLY B 69 -2.84 5.04 17.51
C GLY B 69 -3.95 4.79 16.50
N TYR B 70 -3.62 4.42 15.25
CA TYR B 70 -4.68 4.05 14.31
C TYR B 70 -4.86 2.54 14.41
N ASP B 71 -5.65 2.13 15.41
CA ASP B 71 -5.66 0.72 15.81
C ASP B 71 -6.51 -0.15 14.90
N VAL B 72 -7.33 0.41 14.02
CA VAL B 72 -8.28 -0.36 13.26
C VAL B 72 -8.11 -0.06 11.78
N THR B 73 -8.00 -1.11 10.97
CA THR B 73 -8.10 -1.03 9.52
C THR B 73 -9.39 -1.73 9.10
N ALA B 74 -10.09 -1.18 8.13
CA ALA B 74 -11.35 -1.74 7.67
C ALA B 74 -11.40 -1.72 6.14
N VAL B 75 -11.99 -2.76 5.57
CA VAL B 75 -12.24 -2.83 4.14
C VAL B 75 -13.72 -2.53 3.93
N ILE B 76 -14.01 -1.46 3.18
CA ILE B 76 -15.36 -0.95 3.01
C ILE B 76 -15.79 -1.20 1.56
N GLN B 77 -16.88 -1.92 1.41
CA GLN B 77 -17.44 -2.16 0.06
C GLN B 77 -18.72 -1.33 -0.11
N LEU B 78 -18.87 -0.68 -1.25
CA LEU B 78 -20.04 0.18 -1.52
C LEU B 78 -20.69 -0.18 -2.86
N LYS B 79 -22.01 -0.08 -2.95
CA LYS B 79 -22.72 -0.28 -4.23
C LYS B 79 -23.23 1.11 -4.64
N VAL B 80 -22.75 1.63 -5.76
CA VAL B 80 -23.12 2.99 -6.24
C VAL B 80 -23.33 2.94 -7.75
N GLU B 81 -24.46 3.47 -8.24
CA GLU B 81 -24.69 3.55 -9.71
C GLU B 81 -23.58 4.36 -10.37
N GLY B 82 -23.16 3.97 -11.58
CA GLY B 82 -22.08 4.67 -12.30
C GLY B 82 -22.22 6.18 -12.31
N SER B 83 -23.44 6.69 -12.48
CA SER B 83 -23.70 8.14 -12.56
C SER B 83 -23.27 8.84 -11.26
N ALA B 84 -23.17 8.06 -10.19
CA ALA B 84 -22.84 8.64 -8.86
C ALA B 84 -21.40 8.36 -8.41
N LEU B 85 -20.64 7.60 -9.17
CA LEU B 85 -19.23 7.32 -8.83
C LEU B 85 -18.41 8.62 -8.71
N PRO B 86 -18.52 9.60 -9.63
CA PRO B 86 -17.81 10.88 -9.47
C PRO B 86 -17.98 11.47 -8.07
N GLU B 87 -19.21 11.53 -7.55
CA GLU B 87 -19.48 12.10 -6.21
C GLU B 87 -18.82 11.26 -5.11
N ILE B 88 -19.05 9.95 -5.11
CA ILE B 88 -18.50 9.10 -4.01
C ILE B 88 -16.95 9.13 -4.02
N THR B 89 -16.32 9.12 -5.18
CA THR B 89 -14.85 9.09 -5.26
C THR B 89 -14.30 10.42 -4.73
N GLU B 90 -14.93 11.54 -5.07
CA GLU B 90 -14.52 12.85 -4.52
C GLU B 90 -14.62 12.82 -3.00
N ARG B 91 -15.74 12.32 -2.49
CA ARG B 91 -15.91 12.20 -1.02
C ARG B 91 -14.75 11.40 -0.42
N LEU B 92 -14.41 10.28 -1.04
CA LEU B 92 -13.36 9.39 -0.47
C LEU B 92 -11.99 10.06 -0.56
N ARG B 93 -11.75 10.88 -1.59
CA ARG B 93 -10.45 11.58 -1.76
C ARG B 93 -10.32 12.61 -0.64
N ALA B 94 -11.42 13.21 -0.24
CA ALA B 94 -11.42 14.17 0.89
C ALA B 94 -11.07 13.45 2.19
N GLU B 95 -11.28 12.14 2.27
CA GLU B 95 -11.02 11.36 3.51
C GLU B 95 -9.60 10.77 3.44
N LYS B 96 -8.63 11.46 4.03
CA LYS B 96 -7.20 11.03 3.95
C LYS B 96 -6.97 9.65 4.57
N GLN B 97 -7.77 9.27 5.56
CA GLN B 97 -7.62 7.95 6.21
C GLN B 97 -8.07 6.83 5.27
N MET B 98 -8.67 7.19 4.13
CA MET B 98 -8.94 6.14 3.14
C MET B 98 -7.72 6.03 2.25
N ILE B 99 -6.83 5.10 2.60
CA ILE B 99 -5.54 5.01 1.94
C ILE B 99 -5.61 4.29 0.58
N SER B 100 -6.68 3.53 0.30
CA SER B 100 -6.85 2.91 -1.01
C SER B 100 -8.31 3.01 -1.42
N VAL B 101 -8.54 3.30 -2.71
CA VAL B 101 -9.89 3.40 -3.26
C VAL B 101 -9.88 2.76 -4.64
N TYR B 102 -10.70 1.75 -4.85
CA TYR B 102 -10.74 0.99 -6.08
C TYR B 102 -12.14 1.01 -6.66
N GLU B 103 -12.27 1.35 -7.93
CA GLU B 103 -13.49 1.01 -8.66
C GLU B 103 -13.31 -0.41 -9.21
N VAL B 104 -14.31 -1.28 -9.00
CA VAL B 104 -14.16 -2.70 -9.26
C VAL B 104 -15.41 -3.25 -9.91
N THR B 105 -15.25 -4.40 -10.57
CA THR B 105 -16.40 -5.13 -11.09
C THR B 105 -17.19 -5.76 -9.95
N GLY B 106 -18.38 -6.23 -10.27
CA GLY B 106 -19.19 -6.99 -9.32
C GLY B 106 -20.27 -6.16 -8.66
N ASP B 107 -20.97 -6.82 -7.74
CA ASP B 107 -22.12 -6.19 -7.08
C ASP B 107 -21.72 -4.91 -6.35
N TYR B 108 -20.64 -4.97 -5.57
CA TYR B 108 -20.08 -3.78 -4.94
C TYR B 108 -19.02 -3.23 -5.89
N ASP B 109 -19.21 -2.00 -6.36
CA ASP B 109 -18.27 -1.46 -7.35
C ASP B 109 -17.28 -0.46 -6.77
N ILE B 110 -17.28 -0.25 -5.45
CA ILE B 110 -16.21 0.48 -4.76
C ILE B 110 -15.68 -0.42 -3.65
N ILE B 111 -14.35 -0.54 -3.58
CA ILE B 111 -13.68 -1.09 -2.41
C ILE B 111 -12.74 -0.02 -1.90
N ALA B 112 -12.82 0.28 -0.62
CA ALA B 112 -11.93 1.25 -0.01
C ALA B 112 -11.36 0.65 1.27
N ILE B 113 -10.13 1.06 1.59
CA ILE B 113 -9.43 0.60 2.78
C ILE B 113 -9.10 1.82 3.61
N GLY B 114 -9.50 1.82 4.89
CA GLY B 114 -9.25 2.94 5.76
C GLY B 114 -8.55 2.52 7.04
N LYS B 115 -7.91 3.52 7.67
CA LYS B 115 -7.27 3.35 8.96
C LYS B 115 -7.95 4.31 9.93
N PHE B 116 -8.33 3.80 11.12
CA PHE B 116 -9.14 4.55 12.07
C PHE B 116 -8.59 4.38 13.47
N ARG B 117 -8.94 5.31 14.36
CA ARG B 117 -8.35 5.27 15.69
C ARG B 117 -8.89 4.09 16.48
N ASP B 118 -10.14 3.73 16.30
CA ASP B 118 -10.77 2.63 17.01
C ASP B 118 -12.09 2.37 16.32
N THR B 119 -12.92 1.53 16.93
CA THR B 119 -14.19 1.17 16.32
C THR B 119 -15.14 2.35 16.24
N ASP B 120 -15.14 3.19 17.25
CA ASP B 120 -16.07 4.37 17.26
C ASP B 120 -15.72 5.27 16.08
N GLY B 121 -14.43 5.50 15.85
CA GLY B 121 -13.98 6.36 14.75
C GLY B 121 -14.39 5.80 13.40
N MET B 122 -14.18 4.51 13.20
CA MET B 122 -14.56 3.86 11.92
C MET B 122 -16.07 4.05 11.68
N ASN B 123 -16.87 3.82 12.71
CA ASN B 123 -18.35 3.93 12.60
C ASN B 123 -18.74 5.36 12.24
N THR B 124 -18.02 6.32 12.80
CA THR B 124 -18.32 7.75 12.54
C THR B 124 -18.05 8.02 11.06
N GLN B 125 -16.89 7.61 10.57
CA GLN B 125 -16.49 7.89 9.16
C GLN B 125 -17.50 7.22 8.21
N ILE B 126 -17.98 6.04 8.58
CA ILE B 126 -18.91 5.30 7.67
C ILE B 126 -20.26 6.01 7.65
N LYS B 127 -20.77 6.37 8.83
CA LYS B 127 -22.04 7.14 8.92
C LYS B 127 -21.94 8.40 8.05
N LYS B 128 -20.84 9.14 8.15
CA LYS B 128 -20.64 10.32 7.28
C LYS B 128 -20.76 9.93 5.80
N LEU B 129 -20.08 8.87 5.38
CA LEU B 129 -20.10 8.45 3.96
C LEU B 129 -21.52 8.03 3.56
N LEU B 130 -22.23 7.35 4.45
CA LEU B 130 -23.58 6.85 4.14
C LEU B 130 -24.61 8.00 4.03
N THR B 131 -24.24 9.22 4.38
CA THR B 131 -25.15 10.37 4.15
C THR B 131 -25.39 10.44 2.63
N ASP B 132 -24.46 9.92 1.82
CA ASP B 132 -24.63 9.85 0.36
C ASP B 132 -25.69 8.78 0.05
N THR B 133 -26.89 9.23 -0.32
CA THR B 133 -28.00 8.33 -0.56
C THR B 133 -27.79 7.44 -1.78
N ASP B 134 -26.91 7.81 -2.70
CA ASP B 134 -26.66 6.94 -3.85
C ASP B 134 -25.73 5.77 -3.52
N ILE B 135 -25.15 5.74 -2.31
CA ILE B 135 -24.65 4.48 -1.74
C ILE B 135 -25.86 3.64 -1.32
N ARG B 136 -26.25 2.67 -2.14
CA ARG B 136 -27.47 1.91 -1.88
C ARG B 136 -27.22 0.70 -0.99
N GLU B 137 -25.97 0.33 -0.79
CA GLU B 137 -25.65 -0.87 -0.01
C GLU B 137 -24.17 -0.79 0.36
N SER B 138 -23.85 -1.29 1.56
CA SER B 138 -22.48 -1.20 2.05
C SER B 138 -22.19 -2.41 2.92
N ASN B 139 -20.91 -2.77 2.98
CA ASN B 139 -20.46 -3.89 3.81
C ASN B 139 -19.06 -3.59 4.33
N THR B 140 -18.89 -3.62 5.64
CA THR B 140 -17.61 -3.34 6.25
C THR B 140 -17.00 -4.62 6.83
N SER B 141 -15.75 -4.90 6.47
CA SER B 141 -14.99 -5.99 7.06
C SER B 141 -13.82 -5.40 7.85
N VAL B 142 -13.76 -5.70 9.11
CA VAL B 142 -12.69 -5.21 9.97
C VAL B 142 -11.51 -6.18 9.87
N VAL B 143 -10.31 -5.63 9.79
CA VAL B 143 -9.11 -6.45 9.64
C VAL B 143 -8.71 -6.99 11.01
N LEU B 144 -8.54 -8.29 11.09
CA LEU B 144 -8.11 -8.97 12.30
C LEU B 144 -6.62 -9.25 12.31
N ASN B 145 -6.04 -9.35 11.13
CA ASN B 145 -4.59 -9.55 11.01
C ASN B 145 -4.22 -9.06 9.64
N ALA B 146 -3.33 -8.06 9.58
CA ALA B 146 -2.77 -7.65 8.29
C ALA B 146 -1.50 -8.47 8.09
N VAL B 147 -1.61 -9.62 7.44
CA VAL B 147 -0.45 -10.52 7.22
C VAL B 147 0.53 -9.81 6.28
N THR B 148 0.02 -9.18 5.24
CA THR B 148 0.85 -8.41 4.29
C THR B 148 0.07 -7.17 3.86
N GLU B 149 0.73 -6.03 3.74
CA GLU B 149 0.07 -4.77 3.32
C GLU B 149 0.96 -3.95 2.39
N ASN B 150 0.54 -3.80 1.14
CA ASN B 150 1.30 -3.02 0.13
C ASN B 150 2.77 -3.47 0.10
N GLU B 151 3.01 -4.78 0.07
CA GLU B 151 4.39 -5.34 0.00
C GLU B 151 4.78 -5.47 -1.47
N GLN B 152 5.54 -4.51 -1.97
CA GLN B 152 5.95 -4.49 -3.40
C GLN B 152 6.85 -5.69 -3.70
N PHE B 153 6.57 -6.36 -4.79
CA PHE B 153 7.34 -7.57 -5.16
C PHE B 153 8.60 -7.18 -5.94
N ALA B 154 9.64 -7.97 -5.76
CA ALA B 154 10.89 -7.73 -6.49
C ALA B 154 10.70 -8.11 -7.96
N LEU B 155 11.42 -7.42 -8.83
CA LEU B 155 11.30 -7.63 -10.28
C LEU B 155 12.12 -8.86 -10.69
N ASP B 156 11.66 -9.56 -11.71
CA ASP B 156 12.37 -10.74 -12.26
C ASP B 156 13.72 -10.30 -12.83
N VAL B 157 14.81 -10.96 -12.42
CA VAL B 157 16.15 -10.68 -13.00
C VAL B 157 16.71 -11.99 -13.57
#